data_2Z3O
#
_entry.id   2Z3O
#
_cell.length_a   115.490
_cell.length_b   129.249
_cell.length_c   38.678
_cell.angle_alpha   90.00
_cell.angle_beta   90.00
_cell.angle_gamma   90.00
#
_symmetry.space_group_name_H-M   'P 21 21 2'
#
loop_
_entity.id
_entity.type
_entity.pdbx_description
1 polymer 'Leucyl/phenylalanyl-tRNA-protein transferase'
2 non-polymer PHENYLALANINE
3 non-polymer 'D(-)-TARTARIC ACID'
4 water water
#
_entity_poly.entity_id   1
_entity_poly.type   'polypeptide(L)'
_entity_poly.pdbx_seq_one_letter_code
;RLVQLSRHSIAFPSPEGALREPNGLLALGGDLSPARLLMAYQRGIFPWFSPGDPILWWSPDPRAVLWPESLHISRSMKRF
HKRSPYRVTMNYAFGQVIEGCASDREEGTWITRGVVEAYHRLHELGHAHSIEVWREDELVGGMYGVAQGTLFCGESMFSR
MENASKTALLVFCEEFIGHGGKLIDCQVLNDHTASLGACEIPRRDYLNYLNQMRLGRLPNNFWVPRCLFSPQE
;
_entity_poly.pdbx_strand_id   A,B
#
# COMPACT_ATOMS: atom_id res chain seq x y z
N ARG A 1 -9.74 -15.25 -38.10
CA ARG A 1 -9.05 -15.50 -36.81
C ARG A 1 -9.04 -14.22 -35.98
N LEU A 2 -8.19 -14.16 -34.95
CA LEU A 2 -8.09 -13.00 -34.07
C LEU A 2 -9.46 -12.54 -33.55
N VAL A 3 -9.51 -11.48 -32.77
CA VAL A 3 -10.79 -11.05 -32.21
C VAL A 3 -10.79 -9.68 -31.54
N GLN A 4 -11.76 -8.88 -31.90
CA GLN A 4 -11.92 -7.55 -31.32
C GLN A 4 -12.79 -7.73 -30.08
N LEU A 5 -12.37 -7.18 -28.96
CA LEU A 5 -13.16 -7.29 -27.73
C LEU A 5 -14.19 -6.17 -27.78
N SER A 6 -15.18 -6.21 -26.91
CA SER A 6 -16.21 -5.19 -26.89
C SER A 6 -16.41 -4.61 -25.50
N ARG A 7 -16.67 -3.31 -25.43
CA ARG A 7 -16.92 -2.65 -24.15
C ARG A 7 -18.09 -3.40 -23.53
N HIS A 8 -18.99 -3.85 -24.39
CA HIS A 8 -20.18 -4.58 -24.00
C HIS A 8 -19.81 -5.76 -23.09
N SER A 9 -19.12 -6.75 -23.66
CA SER A 9 -18.73 -7.93 -22.91
C SER A 9 -17.39 -7.75 -22.19
N ILE A 10 -16.89 -8.83 -21.59
CA ILE A 10 -15.61 -8.80 -20.88
C ILE A 10 -15.01 -10.20 -21.00
N ALA A 11 -15.51 -10.96 -21.97
CA ALA A 11 -15.05 -12.32 -22.19
C ALA A 11 -13.89 -12.38 -23.18
N PHE A 12 -13.10 -13.44 -23.08
CA PHE A 12 -11.95 -13.61 -23.95
C PHE A 12 -12.05 -14.92 -24.73
N PRO A 13 -11.34 -15.00 -25.86
CA PRO A 13 -11.30 -16.18 -26.73
C PRO A 13 -10.28 -17.19 -26.22
N SER A 14 -10.40 -18.43 -26.66
CA SER A 14 -9.49 -19.50 -26.23
C SER A 14 -8.04 -19.22 -26.58
N PRO A 15 -7.17 -19.12 -25.57
CA PRO A 15 -5.75 -18.86 -25.76
C PRO A 15 -5.14 -19.71 -26.86
N GLU A 16 -5.55 -20.97 -26.91
CA GLU A 16 -5.02 -21.91 -27.90
C GLU A 16 -5.20 -21.44 -29.35
N GLY A 17 -6.11 -20.49 -29.55
CA GLY A 17 -6.34 -19.99 -30.89
C GLY A 17 -5.41 -18.85 -31.29
N ALA A 18 -4.56 -18.42 -30.36
CA ALA A 18 -3.63 -17.32 -30.61
C ALA A 18 -2.68 -17.59 -31.78
N LEU A 19 -1.98 -16.54 -32.21
CA LEU A 19 -1.05 -16.66 -33.33
C LEU A 19 0.25 -17.31 -32.91
N ARG A 20 1.10 -17.61 -33.89
CA ARG A 20 2.41 -18.21 -33.66
C ARG A 20 3.46 -17.14 -33.84
N GLU A 21 3.18 -16.22 -34.77
CA GLU A 21 4.09 -15.13 -35.06
C GLU A 21 3.28 -13.91 -35.46
N PRO A 22 3.23 -12.89 -34.60
CA PRO A 22 3.89 -12.78 -33.30
C PRO A 22 3.32 -13.74 -32.23
N ASN A 23 4.22 -14.48 -31.59
CA ASN A 23 3.86 -15.48 -30.58
C ASN A 23 2.97 -15.00 -29.46
N GLY A 24 1.70 -15.39 -29.51
CA GLY A 24 0.75 -15.02 -28.47
C GLY A 24 -0.39 -14.09 -28.83
N LEU A 25 -0.24 -13.28 -29.87
CA LEU A 25 -1.31 -12.36 -30.26
C LEU A 25 -2.66 -13.05 -30.32
N LEU A 26 -3.52 -12.72 -29.36
CA LEU A 26 -4.83 -13.32 -29.25
C LEU A 26 -5.98 -12.38 -29.60
N ALA A 27 -5.91 -11.15 -29.10
CA ALA A 27 -7.00 -10.20 -29.35
C ALA A 27 -6.56 -8.75 -29.19
N LEU A 28 -7.43 -7.83 -29.59
CA LEU A 28 -7.15 -6.40 -29.46
C LEU A 28 -8.43 -5.65 -29.16
N GLY A 29 -8.32 -4.62 -28.32
CA GLY A 29 -9.48 -3.82 -27.95
C GLY A 29 -9.94 -3.88 -26.51
N GLY A 30 -11.18 -3.45 -26.28
CA GLY A 30 -11.73 -3.45 -24.94
C GLY A 30 -11.18 -2.30 -24.12
N ASP A 31 -10.79 -2.59 -22.89
CA ASP A 31 -10.24 -1.58 -22.00
C ASP A 31 -9.39 -2.27 -20.95
N LEU A 32 -8.98 -1.53 -19.93
CA LEU A 32 -8.16 -2.08 -18.85
C LEU A 32 -8.88 -1.98 -17.52
N SER A 33 -10.19 -2.16 -17.58
CA SER A 33 -11.01 -2.13 -16.38
C SER A 33 -10.64 -3.31 -15.50
N PRO A 34 -10.71 -3.14 -14.17
CA PRO A 34 -10.39 -4.18 -13.20
C PRO A 34 -10.92 -5.54 -13.63
N ALA A 35 -12.21 -5.57 -13.92
CA ALA A 35 -12.88 -6.79 -14.33
C ALA A 35 -12.25 -7.47 -15.53
N ARG A 36 -12.17 -6.77 -16.65
CA ARG A 36 -11.60 -7.36 -17.85
C ARG A 36 -10.14 -7.79 -17.64
N LEU A 37 -9.39 -6.98 -16.91
CA LEU A 37 -7.98 -7.27 -16.63
C LEU A 37 -7.87 -8.55 -15.83
N LEU A 38 -8.62 -8.58 -14.73
CA LEU A 38 -8.62 -9.71 -13.83
C LEU A 38 -9.03 -10.99 -14.56
N MET A 39 -10.00 -10.88 -15.46
CA MET A 39 -10.47 -12.04 -16.22
C MET A 39 -9.36 -12.55 -17.13
N ALA A 40 -8.59 -11.63 -17.72
CA ALA A 40 -7.50 -12.00 -18.60
C ALA A 40 -6.48 -12.88 -17.86
N TYR A 41 -6.10 -12.47 -16.65
CA TYR A 41 -5.14 -13.24 -15.87
C TYR A 41 -5.72 -14.60 -15.54
N GLN A 42 -7.01 -14.65 -15.20
CA GLN A 42 -7.65 -15.92 -14.89
C GLN A 42 -7.45 -16.87 -16.06
N ARG A 43 -7.59 -16.33 -17.26
CA ARG A 43 -7.46 -17.07 -18.52
C ARG A 43 -6.04 -17.21 -19.08
N GLY A 44 -5.04 -16.74 -18.34
CA GLY A 44 -3.68 -16.84 -18.81
C GLY A 44 -3.37 -15.95 -19.99
N ILE A 45 -4.04 -14.79 -20.04
CA ILE A 45 -3.85 -13.80 -21.10
C ILE A 45 -3.43 -12.51 -20.41
N PHE A 46 -2.55 -11.75 -21.05
CA PHE A 46 -2.15 -10.49 -20.45
C PHE A 46 -2.06 -9.43 -21.56
N PRO A 47 -2.25 -8.15 -21.20
CA PRO A 47 -2.19 -7.03 -22.13
C PRO A 47 -0.77 -6.53 -22.32
N TRP A 48 -0.44 -6.13 -23.54
CA TRP A 48 0.87 -5.59 -23.85
C TRP A 48 0.80 -4.89 -25.20
N PHE A 49 1.14 -3.61 -25.23
CA PHE A 49 1.09 -2.87 -26.48
C PHE A 49 1.86 -1.56 -26.37
N SER A 50 2.44 -1.14 -27.48
CA SER A 50 3.21 0.07 -27.48
C SER A 50 2.29 1.28 -27.49
N PRO A 51 2.72 2.38 -26.83
CA PRO A 51 1.96 3.62 -26.75
C PRO A 51 1.51 4.02 -28.14
N GLY A 52 0.22 4.27 -28.28
CA GLY A 52 -0.30 4.64 -29.59
C GLY A 52 -1.08 3.53 -30.23
N ASP A 53 -0.64 2.29 -30.05
CA ASP A 53 -1.32 1.14 -30.64
C ASP A 53 -2.58 0.83 -29.85
N PRO A 54 -3.46 -0.01 -30.41
CA PRO A 54 -4.67 -0.36 -29.66
C PRO A 54 -4.25 -1.48 -28.69
N ILE A 55 -5.03 -1.68 -27.63
CA ILE A 55 -4.72 -2.71 -26.67
C ILE A 55 -4.48 -4.06 -27.35
N LEU A 56 -3.48 -4.78 -26.89
CA LEU A 56 -3.17 -6.09 -27.45
C LEU A 56 -3.14 -7.09 -26.31
N TRP A 57 -3.75 -8.26 -26.51
CA TRP A 57 -3.78 -9.27 -25.48
C TRP A 57 -2.97 -10.47 -25.91
N TRP A 58 -2.25 -11.06 -24.96
CA TRP A 58 -1.37 -12.16 -25.27
C TRP A 58 -1.45 -13.40 -24.40
N SER A 59 -1.01 -14.50 -24.99
CA SER A 59 -0.93 -15.80 -24.35
C SER A 59 0.01 -16.59 -25.24
N PRO A 60 1.32 -16.39 -25.05
CA PRO A 60 2.36 -17.05 -25.82
C PRO A 60 2.53 -18.53 -25.56
N ASP A 61 3.18 -19.20 -26.51
CA ASP A 61 3.44 -20.63 -26.44
C ASP A 61 4.80 -20.87 -27.08
N PRO A 62 5.79 -21.29 -26.27
CA PRO A 62 5.69 -21.55 -24.82
C PRO A 62 5.54 -20.28 -23.97
N ARG A 63 5.31 -20.52 -22.69
CA ARG A 63 5.14 -19.47 -21.70
C ARG A 63 6.34 -19.50 -20.76
N ALA A 64 6.96 -18.35 -20.50
CA ALA A 64 8.12 -18.31 -19.60
C ALA A 64 7.63 -18.48 -18.18
N VAL A 65 8.36 -19.25 -17.40
CA VAL A 65 7.95 -19.50 -16.03
C VAL A 65 9.15 -19.66 -15.08
N LEU A 66 8.91 -19.36 -13.80
CA LEU A 66 9.96 -19.49 -12.80
C LEU A 66 9.51 -20.22 -11.55
N TRP A 67 10.05 -21.43 -11.35
CA TRP A 67 9.73 -22.19 -10.16
C TRP A 67 10.53 -21.54 -9.05
N PRO A 68 9.83 -20.99 -8.04
CA PRO A 68 10.44 -20.31 -6.89
C PRO A 68 11.66 -20.96 -6.25
N GLU A 69 11.58 -22.26 -5.97
CA GLU A 69 12.69 -22.99 -5.34
C GLU A 69 13.89 -23.13 -6.25
N SER A 70 13.68 -22.98 -7.55
CA SER A 70 14.75 -23.10 -8.52
C SER A 70 15.39 -21.78 -8.90
N LEU A 71 15.09 -20.73 -8.13
CA LEU A 71 15.67 -19.44 -8.43
C LEU A 71 17.18 -19.57 -8.34
N HIS A 72 17.89 -19.21 -9.40
CA HIS A 72 19.33 -19.33 -9.35
C HIS A 72 19.98 -18.09 -8.77
N ILE A 73 20.81 -18.33 -7.75
CA ILE A 73 21.52 -17.26 -7.04
C ILE A 73 23.02 -17.52 -7.07
N SER A 74 23.75 -16.69 -7.82
CA SER A 74 25.20 -16.81 -7.95
C SER A 74 25.86 -16.84 -6.58
N ARG A 75 27.10 -17.30 -6.53
CA ARG A 75 27.81 -17.37 -5.27
C ARG A 75 28.15 -15.97 -4.75
N SER A 76 28.48 -15.05 -5.65
CA SER A 76 28.83 -13.70 -5.23
C SER A 76 27.59 -12.93 -4.79
N MET A 77 26.42 -13.33 -5.31
CA MET A 77 25.16 -12.69 -4.92
C MET A 77 24.83 -13.15 -3.50
N LYS A 78 25.13 -14.41 -3.21
CA LYS A 78 24.88 -14.96 -1.89
C LYS A 78 25.77 -14.18 -0.94
N ARG A 79 27.01 -13.96 -1.36
CA ARG A 79 27.99 -13.22 -0.56
C ARG A 79 27.49 -11.84 -0.26
N PHE A 80 26.98 -11.19 -1.29
CA PHE A 80 26.46 -9.85 -1.19
C PHE A 80 25.23 -9.78 -0.26
N HIS A 81 24.24 -10.64 -0.48
CA HIS A 81 23.00 -10.62 0.31
C HIS A 81 23.25 -10.91 1.77
N LYS A 82 24.25 -11.73 2.03
CA LYS A 82 24.64 -12.09 3.40
C LYS A 82 24.97 -10.81 4.18
N ARG A 83 25.56 -9.83 3.49
CA ARG A 83 25.95 -8.54 4.08
C ARG A 83 25.19 -7.41 3.39
N SER A 84 24.01 -7.74 2.86
CA SER A 84 23.17 -6.81 2.11
C SER A 84 23.01 -5.40 2.67
N PRO A 85 23.06 -4.40 1.78
CA PRO A 85 22.91 -2.97 2.07
C PRO A 85 21.49 -2.55 1.70
N TYR A 86 20.63 -3.52 1.45
CA TYR A 86 19.26 -3.23 1.03
C TYR A 86 18.19 -3.65 2.02
N ARG A 87 17.07 -2.98 1.92
CA ARG A 87 15.92 -3.29 2.77
C ARG A 87 14.82 -3.71 1.77
N VAL A 88 14.03 -4.72 2.13
CA VAL A 88 12.96 -5.12 1.23
C VAL A 88 11.61 -5.05 1.96
N THR A 89 10.64 -4.41 1.33
CA THR A 89 9.29 -4.30 1.91
C THR A 89 8.30 -4.77 0.88
N MET A 90 7.06 -5.00 1.31
CA MET A 90 5.99 -5.44 0.41
C MET A 90 4.84 -4.43 0.45
N ASN A 91 4.34 -4.07 -0.72
CA ASN A 91 3.24 -3.10 -0.88
C ASN A 91 3.35 -1.78 -0.13
N TYR A 92 4.56 -1.29 0.03
CA TYR A 92 4.84 -0.02 0.68
C TYR A 92 4.60 1.08 -0.34
N ALA A 93 5.06 0.86 -1.58
CA ALA A 93 4.93 1.88 -2.60
C ALA A 93 4.71 1.35 -4.02
N PHE A 94 3.59 0.68 -4.21
CA PHE A 94 3.23 0.12 -5.51
C PHE A 94 3.40 1.17 -6.61
N GLY A 95 2.81 2.34 -6.39
CA GLY A 95 2.86 3.43 -7.35
C GLY A 95 4.26 3.81 -7.80
N GLN A 96 5.24 3.70 -6.90
CA GLN A 96 6.60 4.05 -7.26
C GLN A 96 7.31 2.94 -8.00
N VAL A 97 7.02 1.70 -7.62
CA VAL A 97 7.65 0.57 -8.28
C VAL A 97 7.20 0.55 -9.73
N ILE A 98 5.89 0.66 -9.97
CA ILE A 98 5.40 0.62 -11.32
C ILE A 98 5.94 1.82 -12.10
N GLU A 99 5.99 2.99 -11.47
CA GLU A 99 6.50 4.15 -12.16
C GLU A 99 7.99 3.93 -12.39
N GLY A 100 8.62 3.18 -11.49
CA GLY A 100 10.03 2.89 -11.63
C GLY A 100 10.27 2.02 -12.84
N CYS A 101 9.33 1.10 -13.08
CA CYS A 101 9.43 0.20 -14.21
C CYS A 101 9.08 0.92 -15.49
N ALA A 102 8.11 1.83 -15.42
CA ALA A 102 7.69 2.58 -16.59
C ALA A 102 8.74 3.59 -17.03
N SER A 103 9.94 3.50 -16.45
CA SER A 103 11.02 4.40 -16.84
C SER A 103 12.27 3.65 -17.26
N ASP A 104 12.26 2.33 -17.08
CA ASP A 104 13.41 1.47 -17.44
C ASP A 104 13.81 1.71 -18.89
N ARG A 105 12.96 2.44 -19.61
CA ARG A 105 13.17 2.82 -21.01
C ARG A 105 13.66 1.79 -22.01
N GLU A 106 14.10 0.61 -21.57
CA GLU A 106 14.51 -0.40 -22.53
C GLU A 106 13.20 -0.88 -23.14
N GLU A 107 12.18 -0.99 -22.28
CA GLU A 107 10.83 -1.38 -22.69
C GLU A 107 9.78 -1.30 -21.60
N GLY A 108 10.00 -0.39 -20.66
CA GLY A 108 9.01 -0.18 -19.61
C GLY A 108 8.19 0.91 -20.26
N THR A 109 8.59 1.21 -21.49
CA THR A 109 7.94 2.23 -22.29
C THR A 109 6.48 1.91 -22.58
N TRP A 110 6.14 0.64 -22.71
CA TRP A 110 4.75 0.29 -22.98
C TRP A 110 3.85 0.74 -21.83
N ILE A 111 4.45 0.88 -20.65
CA ILE A 111 3.71 1.28 -19.45
C ILE A 111 3.35 2.75 -19.53
N THR A 112 2.14 3.05 -20.00
CA THR A 112 1.67 4.43 -20.12
C THR A 112 0.84 4.85 -18.91
N ARG A 113 0.50 6.13 -18.84
CA ARG A 113 -0.31 6.62 -17.75
C ARG A 113 -1.56 5.73 -17.67
N GLY A 114 -2.06 5.32 -18.83
CA GLY A 114 -3.23 4.46 -18.89
C GLY A 114 -3.02 3.10 -18.22
N VAL A 115 -1.87 2.50 -18.47
CA VAL A 115 -1.53 1.21 -17.88
C VAL A 115 -1.26 1.33 -16.38
N VAL A 116 -0.57 2.40 -15.98
CA VAL A 116 -0.25 2.63 -14.57
C VAL A 116 -1.53 2.71 -13.75
N GLU A 117 -2.48 3.50 -14.25
CA GLU A 117 -3.76 3.66 -13.54
C GLU A 117 -4.49 2.32 -13.47
N ALA A 118 -4.50 1.60 -14.58
CA ALA A 118 -5.16 0.31 -14.66
C ALA A 118 -4.59 -0.68 -13.64
N TYR A 119 -3.28 -0.74 -13.51
CA TYR A 119 -2.73 -1.66 -12.55
C TYR A 119 -2.82 -1.08 -11.16
N HIS A 120 -2.91 0.23 -11.08
CA HIS A 120 -3.03 0.85 -9.78
C HIS A 120 -4.39 0.50 -9.21
N ARG A 121 -5.39 0.36 -10.07
CA ARG A 121 -6.72 -0.03 -9.60
C ARG A 121 -6.66 -1.44 -9.01
N LEU A 122 -6.03 -2.37 -9.73
CA LEU A 122 -5.91 -3.74 -9.22
C LEU A 122 -5.20 -3.75 -7.87
N HIS A 123 -4.28 -2.82 -7.67
CA HIS A 123 -3.58 -2.75 -6.41
C HIS A 123 -4.50 -2.23 -5.32
N GLU A 124 -5.31 -1.23 -5.67
CA GLU A 124 -6.26 -0.65 -4.72
C GLU A 124 -7.24 -1.73 -4.27
N LEU A 125 -7.58 -2.62 -5.19
CA LEU A 125 -8.52 -3.69 -4.91
C LEU A 125 -7.89 -4.94 -4.29
N GLY A 126 -6.56 -4.95 -4.17
CA GLY A 126 -5.87 -6.08 -3.56
C GLY A 126 -5.49 -7.26 -4.46
N HIS A 127 -5.30 -7.02 -5.75
CA HIS A 127 -4.92 -8.11 -6.67
C HIS A 127 -3.51 -7.93 -7.21
N ALA A 128 -3.09 -6.68 -7.31
CA ALA A 128 -1.75 -6.36 -7.79
C ALA A 128 -0.91 -5.97 -6.57
N HIS A 129 0.29 -6.52 -6.47
CA HIS A 129 1.17 -6.26 -5.34
C HIS A 129 2.55 -5.83 -5.78
N SER A 130 3.28 -5.23 -4.88
CA SER A 130 4.63 -4.79 -5.22
C SER A 130 5.64 -5.16 -4.15
N ILE A 131 6.89 -5.38 -4.58
CA ILE A 131 7.97 -5.68 -3.66
C ILE A 131 8.99 -4.58 -3.94
N GLU A 132 9.32 -3.83 -2.89
CA GLU A 132 10.25 -2.71 -2.99
C GLU A 132 11.63 -3.01 -2.38
N VAL A 133 12.65 -2.43 -2.97
CA VAL A 133 14.00 -2.59 -2.48
C VAL A 133 14.52 -1.20 -2.14
N TRP A 134 14.86 -0.99 -0.88
CA TRP A 134 15.34 0.29 -0.40
C TRP A 134 16.82 0.29 -0.05
N ARG A 135 17.48 1.39 -0.43
CA ARG A 135 18.88 1.60 -0.10
C ARG A 135 18.81 2.85 0.75
N GLU A 136 18.96 2.69 2.05
CA GLU A 136 18.88 3.82 2.96
C GLU A 136 17.43 4.28 2.90
N ASP A 137 17.24 5.54 2.49
CA ASP A 137 15.93 6.15 2.37
C ASP A 137 15.47 6.21 0.92
N GLU A 138 16.29 5.71 -0.01
CA GLU A 138 15.98 5.74 -1.45
C GLU A 138 15.48 4.41 -2.02
N LEU A 139 14.47 4.50 -2.89
CA LEU A 139 13.90 3.32 -3.54
C LEU A 139 14.84 2.99 -4.70
N VAL A 140 15.56 1.88 -4.61
CA VAL A 140 16.49 1.58 -5.69
C VAL A 140 16.14 0.41 -6.56
N GLY A 141 14.96 -0.17 -6.38
CA GLY A 141 14.54 -1.29 -7.20
C GLY A 141 13.24 -1.93 -6.76
N GLY A 142 12.79 -2.94 -7.50
CA GLY A 142 11.57 -3.60 -7.13
C GLY A 142 10.89 -4.39 -8.24
N MET A 143 9.67 -4.82 -7.95
CA MET A 143 8.88 -5.58 -8.90
C MET A 143 7.43 -5.53 -8.48
N TYR A 144 6.54 -5.75 -9.44
CA TYR A 144 5.13 -5.77 -9.14
C TYR A 144 4.46 -6.80 -10.01
N GLY A 145 3.30 -7.27 -9.58
CA GLY A 145 2.59 -8.26 -10.36
C GLY A 145 1.18 -8.51 -9.90
N VAL A 146 0.50 -9.42 -10.57
CA VAL A 146 -0.88 -9.74 -10.20
C VAL A 146 -0.94 -11.11 -9.55
N ALA A 147 -1.56 -11.18 -8.38
CA ALA A 147 -1.66 -12.42 -7.65
C ALA A 147 -2.80 -13.28 -8.16
N GLN A 148 -2.51 -14.56 -8.33
CA GLN A 148 -3.48 -15.52 -8.81
C GLN A 148 -3.42 -16.73 -7.87
N GLY A 149 -3.89 -16.57 -6.64
CA GLY A 149 -3.87 -17.67 -5.72
C GLY A 149 -2.44 -17.94 -5.25
N THR A 150 -1.91 -19.11 -5.59
CA THR A 150 -0.55 -19.45 -5.21
C THR A 150 0.33 -19.27 -6.42
N LEU A 151 -0.27 -18.78 -7.49
CA LEU A 151 0.49 -18.47 -8.70
C LEU A 151 0.70 -16.95 -8.59
N PHE A 152 1.75 -16.47 -9.23
CA PHE A 152 2.01 -15.05 -9.20
C PHE A 152 2.54 -14.65 -10.56
N CYS A 153 1.87 -13.67 -11.16
CA CYS A 153 2.26 -13.21 -12.48
C CYS A 153 3.14 -11.99 -12.33
N GLY A 154 4.41 -12.17 -12.70
CA GLY A 154 5.36 -11.09 -12.62
C GLY A 154 5.17 -10.18 -13.80
N GLU A 155 4.89 -8.92 -13.53
CA GLU A 155 4.68 -7.95 -14.59
C GLU A 155 5.97 -7.30 -15.03
N SER A 156 6.77 -6.89 -14.06
CA SER A 156 8.02 -6.23 -14.37
C SER A 156 8.87 -6.02 -13.14
N MET A 157 10.12 -5.65 -13.37
CA MET A 157 11.03 -5.36 -12.28
C MET A 157 11.95 -4.26 -12.80
N PHE A 158 12.59 -3.54 -11.89
CA PHE A 158 13.49 -2.47 -12.28
C PHE A 158 14.63 -2.36 -11.30
N SER A 159 15.71 -1.73 -11.74
CA SER A 159 16.88 -1.61 -10.90
C SER A 159 17.63 -0.31 -11.11
N ARG A 160 17.93 0.37 -10.01
CA ARG A 160 18.67 1.62 -10.06
C ARG A 160 19.99 1.45 -9.30
N MET A 161 20.25 0.24 -8.80
CA MET A 161 21.48 -0.03 -8.06
C MET A 161 21.83 -1.52 -8.14
N GLU A 162 23.12 -1.82 -8.25
CA GLU A 162 23.61 -3.18 -8.38
C GLU A 162 22.92 -4.22 -7.50
N ASN A 163 22.40 -5.26 -8.13
CA ASN A 163 21.71 -6.36 -7.45
C ASN A 163 20.39 -5.97 -6.75
N ALA A 164 19.89 -4.78 -6.99
CA ALA A 164 18.65 -4.39 -6.34
C ALA A 164 17.51 -5.33 -6.72
N SER A 165 17.29 -5.54 -8.01
CA SER A 165 16.21 -6.41 -8.45
C SER A 165 16.45 -7.88 -8.09
N LYS A 166 17.69 -8.31 -8.10
CA LYS A 166 17.94 -9.70 -7.73
C LYS A 166 17.59 -9.92 -6.26
N THR A 167 17.81 -8.94 -5.39
CA THR A 167 17.46 -9.18 -4.00
C THR A 167 15.93 -9.16 -3.83
N ALA A 168 15.24 -8.34 -4.63
CA ALA A 168 13.78 -8.30 -4.53
C ALA A 168 13.22 -9.69 -4.85
N LEU A 169 13.63 -10.24 -5.99
CA LEU A 169 13.19 -11.56 -6.39
C LEU A 169 13.65 -12.64 -5.39
N LEU A 170 14.87 -12.50 -4.88
CA LEU A 170 15.41 -13.46 -3.93
C LEU A 170 14.59 -13.45 -2.62
N VAL A 171 14.41 -12.27 -2.05
CA VAL A 171 13.64 -12.13 -0.82
C VAL A 171 12.16 -12.54 -1.04
N PHE A 172 11.58 -12.14 -2.17
CA PHE A 172 10.18 -12.49 -2.44
C PHE A 172 10.04 -13.99 -2.49
N CYS A 173 10.83 -14.62 -3.37
CA CYS A 173 10.80 -16.07 -3.50
C CYS A 173 10.86 -16.75 -2.12
N GLU A 174 11.78 -16.34 -1.26
CA GLU A 174 11.84 -16.98 0.05
C GLU A 174 10.49 -16.84 0.76
N GLU A 175 9.99 -15.61 0.84
CA GLU A 175 8.71 -15.33 1.47
C GLU A 175 7.59 -16.14 0.83
N PHE A 176 7.58 -16.11 -0.50
CA PHE A 176 6.57 -16.79 -1.30
C PHE A 176 6.61 -18.30 -1.13
N ILE A 177 7.80 -18.88 -1.17
CA ILE A 177 7.90 -20.31 -1.00
C ILE A 177 7.42 -20.69 0.39
N GLY A 178 7.91 -19.95 1.38
CA GLY A 178 7.55 -20.21 2.76
C GLY A 178 6.07 -20.34 3.06
N HIS A 179 5.23 -19.57 2.37
CA HIS A 179 3.81 -19.64 2.65
C HIS A 179 2.90 -20.28 1.61
N GLY A 180 3.42 -21.21 0.82
CA GLY A 180 2.58 -21.89 -0.16
C GLY A 180 2.75 -21.47 -1.61
N GLY A 181 3.51 -20.42 -1.85
CA GLY A 181 3.73 -19.97 -3.22
C GLY A 181 4.19 -21.13 -4.06
N LYS A 182 3.71 -21.24 -5.29
CA LYS A 182 4.07 -22.38 -6.10
C LYS A 182 4.72 -22.04 -7.43
N LEU A 183 4.34 -20.92 -8.04
CA LEU A 183 4.88 -20.59 -9.34
C LEU A 183 4.82 -19.11 -9.71
N ILE A 184 5.81 -18.68 -10.48
CA ILE A 184 5.88 -17.31 -10.93
C ILE A 184 5.83 -17.29 -12.46
N ASP A 185 4.84 -16.60 -13.00
CA ASP A 185 4.69 -16.47 -14.44
C ASP A 185 5.61 -15.33 -14.87
N CYS A 186 6.43 -15.59 -15.89
CA CYS A 186 7.35 -14.56 -16.39
C CYS A 186 6.99 -14.12 -17.79
N GLN A 187 5.90 -14.68 -18.32
CA GLN A 187 5.39 -14.34 -19.65
C GLN A 187 6.33 -14.77 -20.76
N VAL A 188 7.29 -13.92 -21.12
CA VAL A 188 8.23 -14.29 -22.17
C VAL A 188 9.67 -14.23 -21.65
N LEU A 189 10.35 -15.36 -21.76
CA LEU A 189 11.73 -15.47 -21.30
C LEU A 189 12.63 -14.42 -21.95
N ASN A 190 13.62 -13.94 -21.20
CA ASN A 190 14.60 -12.95 -21.69
C ASN A 190 15.92 -13.26 -21.00
N ASP A 191 17.03 -12.84 -21.59
CA ASP A 191 18.34 -13.13 -21.02
C ASP A 191 18.47 -13.02 -19.49
N HIS A 192 17.96 -11.96 -18.89
CA HIS A 192 18.06 -11.80 -17.43
C HIS A 192 17.29 -12.87 -16.68
N THR A 193 15.98 -12.90 -16.91
CA THR A 193 15.08 -13.84 -16.29
C THR A 193 15.55 -15.30 -16.48
N ALA A 194 16.11 -15.58 -17.65
CA ALA A 194 16.61 -16.91 -17.93
C ALA A 194 17.81 -17.25 -17.06
N SER A 195 18.62 -16.25 -16.72
CA SER A 195 19.79 -16.50 -15.89
C SER A 195 19.40 -16.63 -14.43
N LEU A 196 18.21 -16.15 -14.08
CA LEU A 196 17.75 -16.25 -12.71
C LEU A 196 17.10 -17.61 -12.48
N GLY A 197 17.04 -18.39 -13.56
CA GLY A 197 16.46 -19.72 -13.50
C GLY A 197 15.12 -19.90 -14.19
N ALA A 198 14.64 -18.87 -14.89
CA ALA A 198 13.34 -18.99 -15.56
C ALA A 198 13.45 -20.01 -16.69
N CYS A 199 12.33 -20.63 -17.07
CA CYS A 199 12.34 -21.62 -18.12
C CYS A 199 11.04 -21.60 -18.91
N GLU A 200 11.02 -22.31 -20.02
CA GLU A 200 9.83 -22.37 -20.87
C GLU A 200 9.08 -23.69 -20.74
N ILE A 201 7.76 -23.62 -20.76
CA ILE A 201 6.92 -24.81 -20.73
C ILE A 201 5.82 -24.55 -21.77
N PRO A 202 5.06 -25.59 -22.14
CA PRO A 202 3.99 -25.35 -23.14
C PRO A 202 2.83 -24.54 -22.60
N ARG A 203 2.18 -23.77 -23.48
CA ARG A 203 1.05 -22.96 -23.08
C ARG A 203 0.00 -23.82 -22.40
N ARG A 204 -0.33 -24.97 -22.98
CA ARG A 204 -1.35 -25.82 -22.36
C ARG A 204 -0.88 -26.26 -20.99
N ASP A 205 0.42 -26.45 -20.81
CA ASP A 205 0.93 -26.82 -19.49
C ASP A 205 0.72 -25.68 -18.50
N TYR A 206 1.14 -24.48 -18.90
CA TYR A 206 0.99 -23.29 -18.06
C TYR A 206 -0.46 -23.09 -17.66
N LEU A 207 -1.35 -23.11 -18.65
CA LEU A 207 -2.78 -22.93 -18.39
C LEU A 207 -3.25 -23.91 -17.33
N ASN A 208 -2.83 -25.16 -17.48
CA ASN A 208 -3.16 -26.21 -16.52
C ASN A 208 -2.82 -25.76 -15.11
N TYR A 209 -1.56 -25.35 -14.91
CA TYR A 209 -1.10 -24.87 -13.60
C TYR A 209 -1.96 -23.70 -13.13
N LEU A 210 -2.15 -22.76 -14.05
CA LEU A 210 -2.93 -21.57 -13.76
C LEU A 210 -4.29 -21.95 -13.16
N ASN A 211 -4.97 -22.89 -13.79
CA ASN A 211 -6.28 -23.32 -13.31
C ASN A 211 -6.21 -23.98 -11.93
N GLN A 212 -5.15 -24.77 -11.72
CA GLN A 212 -4.96 -25.44 -10.45
C GLN A 212 -4.61 -24.43 -9.37
N MET A 213 -3.64 -23.56 -9.68
CA MET A 213 -3.17 -22.58 -8.73
C MET A 213 -4.08 -21.40 -8.40
N ARG A 214 -4.87 -20.92 -9.36
CA ARG A 214 -5.75 -19.78 -9.07
C ARG A 214 -6.72 -20.12 -7.94
N LEU A 215 -6.92 -21.41 -7.70
CA LEU A 215 -7.79 -21.90 -6.63
C LEU A 215 -7.01 -21.95 -5.32
N GLY A 216 -5.69 -21.97 -5.45
CA GLY A 216 -4.83 -22.00 -4.29
C GLY A 216 -5.13 -20.85 -3.34
N ARG A 217 -4.48 -20.85 -2.20
CA ARG A 217 -4.71 -19.82 -1.21
C ARG A 217 -3.46 -19.61 -0.35
N LEU A 218 -3.03 -18.36 -0.26
CA LEU A 218 -1.87 -18.03 0.55
C LEU A 218 -2.42 -17.58 1.89
N PRO A 219 -1.56 -17.40 2.90
CA PRO A 219 -2.07 -16.97 4.20
C PRO A 219 -2.94 -15.74 4.01
N ASN A 220 -3.95 -15.61 4.86
CA ASN A 220 -4.88 -14.50 4.76
C ASN A 220 -4.28 -13.10 4.78
N ASN A 221 -3.10 -12.94 5.37
CA ASN A 221 -2.48 -11.63 5.43
C ASN A 221 -1.17 -11.55 4.67
N PHE A 222 -0.90 -12.55 3.84
CA PHE A 222 0.35 -12.60 3.08
C PHE A 222 0.75 -11.29 2.41
N TRP A 223 -0.23 -10.62 1.81
CA TRP A 223 -0.01 -9.38 1.09
C TRP A 223 -0.15 -8.05 1.83
N VAL A 224 -0.46 -8.05 3.12
CA VAL A 224 -0.59 -6.77 3.81
C VAL A 224 0.80 -6.12 3.84
N PRO A 225 0.86 -4.79 3.87
CA PRO A 225 2.11 -4.04 3.91
C PRO A 225 3.00 -4.41 5.07
N ARG A 226 4.26 -4.68 4.78
CA ARG A 226 5.21 -5.07 5.83
C ARG A 226 6.65 -5.16 5.33
N CYS A 227 7.59 -5.20 6.27
CA CYS A 227 9.00 -5.33 5.92
C CYS A 227 9.26 -6.82 5.73
N LEU A 228 10.07 -7.19 4.75
CA LEU A 228 10.38 -8.61 4.49
C LEU A 228 11.82 -8.91 4.86
N PHE A 229 12.69 -7.95 4.62
CA PHE A 229 14.09 -8.12 4.90
C PHE A 229 14.74 -6.81 5.29
N SER A 230 15.31 -6.79 6.49
CA SER A 230 15.99 -5.61 7.01
C SER A 230 17.50 -5.78 6.87
N PRO A 231 18.18 -4.78 6.30
CA PRO A 231 19.63 -4.85 6.12
C PRO A 231 20.34 -4.94 7.48
N GLN A 232 21.67 -4.85 7.45
CA GLN A 232 22.48 -4.90 8.67
C GLN A 232 23.32 -3.63 8.78
N ARG B 1 20.33 9.94 25.41
CA ARG B 1 19.62 8.94 24.62
C ARG B 1 19.16 9.50 23.28
N LEU B 2 18.70 10.75 23.28
CA LEU B 2 18.22 11.43 22.06
C LEU B 2 19.12 11.19 20.86
N VAL B 3 18.57 10.48 19.86
CA VAL B 3 19.31 10.15 18.64
C VAL B 3 19.01 11.09 17.48
N GLN B 4 20.03 11.52 16.75
CA GLN B 4 19.80 12.36 15.59
C GLN B 4 19.94 11.55 14.32
N LEU B 5 18.86 11.47 13.56
CA LEU B 5 18.82 10.70 12.33
C LEU B 5 19.61 11.35 11.19
N SER B 6 19.65 10.66 10.05
CA SER B 6 20.33 11.12 8.84
C SER B 6 19.74 10.43 7.60
N ARG B 7 20.13 10.91 6.42
CA ARG B 7 19.64 10.34 5.17
C ARG B 7 20.23 8.95 4.96
N HIS B 8 21.28 8.66 5.70
CA HIS B 8 21.96 7.38 5.61
C HIS B 8 21.16 6.21 6.14
N SER B 9 20.21 6.46 7.03
CA SER B 9 19.41 5.37 7.56
C SER B 9 17.99 5.75 7.97
N ILE B 10 17.08 4.84 7.70
CA ILE B 10 15.67 4.99 8.01
C ILE B 10 15.33 4.26 9.30
N ALA B 11 16.35 3.99 10.11
CA ALA B 11 16.16 3.27 11.36
C ALA B 11 16.07 4.18 12.57
N PHE B 12 15.07 3.93 13.41
CA PHE B 12 14.88 4.71 14.63
C PHE B 12 15.34 3.90 15.83
N PRO B 13 15.77 4.57 16.90
CA PRO B 13 16.20 3.79 18.05
C PRO B 13 14.94 3.19 18.65
N SER B 14 15.05 2.50 19.78
CA SER B 14 13.88 1.87 20.39
C SER B 14 13.06 2.85 21.22
N PRO B 15 11.72 2.82 21.07
CA PRO B 15 10.80 3.70 21.80
C PRO B 15 11.09 3.78 23.30
N GLU B 16 11.42 2.64 23.88
CA GLU B 16 11.72 2.55 25.30
C GLU B 16 12.77 3.56 25.75
N GLY B 17 13.59 4.02 24.81
CA GLY B 17 14.64 4.97 25.14
C GLY B 17 14.20 6.43 25.09
N ALA B 18 12.93 6.67 24.76
CA ALA B 18 12.42 8.05 24.70
C ALA B 18 12.56 8.74 26.04
N LEU B 19 12.55 10.07 26.02
CA LEU B 19 12.66 10.86 27.25
C LEU B 19 11.32 10.91 27.98
N ARG B 20 11.38 11.23 29.26
CA ARG B 20 10.17 11.35 30.07
C ARG B 20 9.65 12.77 29.88
N GLU B 21 10.56 13.74 29.94
CA GLU B 21 10.19 15.15 29.77
C GLU B 21 11.10 15.90 28.79
N PRO B 22 10.56 16.35 27.65
CA PRO B 22 9.16 16.19 27.24
C PRO B 22 8.84 14.73 26.99
N ASN B 23 7.62 14.32 27.28
CA ASN B 23 7.21 12.94 27.15
C ASN B 23 7.24 12.30 25.78
N GLY B 24 8.21 11.42 25.57
CA GLY B 24 8.28 10.70 24.31
C GLY B 24 9.30 11.13 23.27
N LEU B 25 10.02 12.22 23.54
CA LEU B 25 11.00 12.72 22.58
C LEU B 25 12.01 11.62 22.29
N LEU B 26 11.92 11.03 21.11
CA LEU B 26 12.80 9.94 20.76
C LEU B 26 13.93 10.23 19.77
N ALA B 27 13.73 11.17 18.85
CA ALA B 27 14.79 11.45 17.88
C ALA B 27 14.50 12.71 17.05
N LEU B 28 15.55 13.23 16.40
CA LEU B 28 15.40 14.41 15.58
C LEU B 28 16.21 14.36 14.28
N GLY B 29 15.68 15.02 13.25
CA GLY B 29 16.36 15.04 11.97
C GLY B 29 15.72 14.09 10.98
N GLY B 30 16.51 13.61 10.02
CA GLY B 30 15.98 12.71 9.01
C GLY B 30 15.15 13.50 8.01
N ASP B 31 14.12 12.85 7.46
CA ASP B 31 13.24 13.50 6.50
C ASP B 31 11.84 12.92 6.69
N LEU B 32 10.92 13.26 5.80
CA LEU B 32 9.56 12.76 5.87
C LEU B 32 9.23 11.88 4.64
N SER B 33 10.25 11.17 4.15
CA SER B 33 10.11 10.27 3.00
C SER B 33 9.09 9.18 3.33
N PRO B 34 8.38 8.67 2.32
CA PRO B 34 7.37 7.62 2.52
C PRO B 34 7.95 6.49 3.34
N ALA B 35 9.15 6.08 2.98
CA ALA B 35 9.84 4.98 3.64
C ALA B 35 10.07 5.24 5.12
N ARG B 36 10.65 6.40 5.44
CA ARG B 36 10.93 6.70 6.84
C ARG B 36 9.66 6.77 7.69
N LEU B 37 8.60 7.35 7.15
CA LEU B 37 7.35 7.44 7.88
C LEU B 37 6.74 6.06 8.14
N LEU B 38 6.68 5.25 7.09
CA LEU B 38 6.13 3.91 7.24
C LEU B 38 6.92 3.13 8.28
N MET B 39 8.24 3.31 8.28
CA MET B 39 9.08 2.62 9.26
C MET B 39 8.75 3.13 10.66
N ALA B 40 8.52 4.44 10.77
CA ALA B 40 8.19 5.06 12.05
C ALA B 40 6.85 4.57 12.60
N TYR B 41 5.78 4.70 11.82
CA TYR B 41 4.45 4.30 12.26
C TYR B 41 4.42 2.82 12.58
N GLN B 42 5.30 2.09 11.92
CA GLN B 42 5.42 0.66 12.09
C GLN B 42 6.02 0.34 13.45
N ARG B 43 6.72 1.31 14.03
CA ARG B 43 7.35 1.11 15.33
C ARG B 43 6.75 1.95 16.43
N GLY B 44 5.58 2.54 16.19
CA GLY B 44 4.94 3.36 17.21
C GLY B 44 5.59 4.72 17.39
N ILE B 45 6.14 5.25 16.31
CA ILE B 45 6.78 6.56 16.36
C ILE B 45 6.08 7.47 15.38
N PHE B 46 6.08 8.76 15.66
CA PHE B 46 5.46 9.71 14.76
C PHE B 46 6.14 11.06 14.83
N PRO B 47 6.10 11.82 13.73
CA PRO B 47 6.71 13.13 13.69
C PRO B 47 5.79 14.24 14.19
N TRP B 48 6.38 15.23 14.84
CA TRP B 48 5.63 16.35 15.34
C TRP B 48 6.66 17.39 15.75
N PHE B 49 6.53 18.57 15.19
CA PHE B 49 7.47 19.64 15.45
C PHE B 49 6.84 20.94 14.96
N SER B 50 7.26 22.06 15.52
CA SER B 50 6.71 23.33 15.09
C SER B 50 7.56 23.85 13.92
N PRO B 51 6.96 24.69 13.05
CA PRO B 51 7.70 25.22 11.90
C PRO B 51 8.97 25.91 12.35
N GLY B 52 10.05 25.68 11.62
CA GLY B 52 11.34 26.28 11.97
C GLY B 52 12.20 25.35 12.79
N ASP B 53 11.59 24.33 13.37
CA ASP B 53 12.32 23.37 14.19
C ASP B 53 12.71 22.16 13.36
N PRO B 54 13.70 21.40 13.82
CA PRO B 54 14.08 20.21 13.07
C PRO B 54 12.97 19.19 13.31
N ILE B 55 12.86 18.20 12.45
CA ILE B 55 11.85 17.16 12.61
C ILE B 55 12.08 16.46 13.93
N LEU B 56 11.04 16.42 14.76
CA LEU B 56 11.08 15.76 16.06
C LEU B 56 10.25 14.47 16.01
N TRP B 57 10.78 13.38 16.57
CA TRP B 57 10.08 12.10 16.56
C TRP B 57 9.67 11.63 17.96
N TRP B 58 8.46 11.11 18.08
CA TRP B 58 7.94 10.72 19.38
C TRP B 58 7.35 9.34 19.53
N SER B 59 7.29 8.93 20.79
CA SER B 59 6.68 7.67 21.21
C SER B 59 6.45 7.87 22.69
N PRO B 60 5.42 8.65 23.02
CA PRO B 60 5.02 8.99 24.39
C PRO B 60 4.63 7.81 25.28
N ASP B 61 4.58 8.05 26.59
CA ASP B 61 4.24 7.03 27.58
C ASP B 61 3.66 7.73 28.81
N PRO B 62 2.38 7.50 29.10
CA PRO B 62 1.44 6.67 28.37
C PRO B 62 1.10 7.17 26.96
N ARG B 63 0.29 6.39 26.26
CA ARG B 63 -0.14 6.69 24.91
C ARG B 63 -1.65 6.83 24.90
N ALA B 64 -2.15 7.95 24.39
CA ALA B 64 -3.60 8.17 24.30
C ALA B 64 -4.12 7.29 23.18
N VAL B 65 -5.24 6.64 23.41
CA VAL B 65 -5.80 5.77 22.39
C VAL B 65 -7.33 5.75 22.49
N LEU B 66 -7.99 5.22 21.48
CA LEU B 66 -9.44 5.17 21.51
C LEU B 66 -10.03 3.90 20.92
N TRP B 67 -10.74 3.14 21.76
CA TRP B 67 -11.37 1.92 21.30
C TRP B 67 -12.62 2.35 20.56
N PRO B 68 -12.75 2.00 19.27
CA PRO B 68 -13.90 2.37 18.46
C PRO B 68 -15.25 2.22 19.16
N GLU B 69 -15.53 1.02 19.64
CA GLU B 69 -16.79 0.74 20.29
C GLU B 69 -17.01 1.55 21.56
N SER B 70 -15.93 2.12 22.09
CA SER B 70 -16.02 2.91 23.30
C SER B 70 -16.21 4.39 23.00
N LEU B 71 -16.52 4.72 21.77
CA LEU B 71 -16.71 6.12 21.44
C LEU B 71 -17.92 6.66 22.22
N HIS B 72 -17.79 7.86 22.77
CA HIS B 72 -18.89 8.45 23.53
C HIS B 72 -19.65 9.50 22.73
N ILE B 73 -20.84 9.12 22.26
CA ILE B 73 -21.70 10.03 21.49
C ILE B 73 -22.74 10.55 22.45
N SER B 74 -22.78 11.87 22.63
CA SER B 74 -23.73 12.49 23.53
C SER B 74 -25.16 12.20 23.09
N ARG B 75 -26.10 12.34 24.03
CA ARG B 75 -27.52 12.13 23.78
C ARG B 75 -27.98 13.13 22.72
N SER B 76 -27.55 14.38 22.88
CA SER B 76 -27.88 15.44 21.96
C SER B 76 -27.36 15.18 20.55
N MET B 77 -26.15 14.63 20.45
CA MET B 77 -25.51 14.30 19.17
C MET B 77 -26.22 13.17 18.42
N LYS B 78 -26.60 12.12 19.14
CA LYS B 78 -27.29 11.01 18.50
C LYS B 78 -28.56 11.59 17.87
N ARG B 79 -29.22 12.49 18.60
CA ARG B 79 -30.42 13.14 18.09
C ARG B 79 -30.01 13.93 16.84
N PHE B 80 -28.91 14.68 16.97
CA PHE B 80 -28.41 15.46 15.84
C PHE B 80 -28.13 14.57 14.63
N HIS B 81 -27.36 13.51 14.84
CA HIS B 81 -27.00 12.59 13.77
C HIS B 81 -28.15 11.76 13.21
N LYS B 82 -29.16 11.52 14.04
CA LYS B 82 -30.34 10.75 13.62
C LYS B 82 -30.95 11.51 12.45
N ARG B 83 -30.76 12.82 12.45
CA ARG B 83 -31.27 13.67 11.40
C ARG B 83 -30.11 14.53 10.91
N SER B 84 -28.97 13.88 10.67
CA SER B 84 -27.77 14.57 10.22
C SER B 84 -27.95 15.28 8.89
N PRO B 85 -27.42 16.50 8.80
CA PRO B 85 -27.47 17.35 7.60
C PRO B 85 -26.22 17.12 6.76
N TYR B 86 -25.37 16.20 7.21
CA TYR B 86 -24.12 15.91 6.54
C TYR B 86 -24.08 14.58 5.79
N ARG B 87 -23.12 14.46 4.90
CA ARG B 87 -22.87 13.23 4.14
C ARG B 87 -21.40 12.96 4.42
N VAL B 88 -21.03 11.70 4.60
CA VAL B 88 -19.63 11.36 4.87
C VAL B 88 -19.03 10.46 3.79
N THR B 89 -17.87 10.86 3.30
CA THR B 89 -17.17 10.09 2.27
C THR B 89 -15.83 9.60 2.80
N MET B 90 -15.19 8.73 2.02
CA MET B 90 -13.87 8.21 2.39
C MET B 90 -12.92 8.39 1.21
N ASN B 91 -11.75 8.95 1.50
CA ASN B 91 -10.68 9.22 0.53
C ASN B 91 -11.13 9.91 -0.78
N TYR B 92 -12.12 10.79 -0.70
CA TYR B 92 -12.60 11.52 -1.86
C TYR B 92 -11.78 12.78 -2.05
N ALA B 93 -11.25 13.32 -0.96
CA ALA B 93 -10.50 14.56 -1.02
C ALA B 93 -9.47 14.71 0.09
N PHE B 94 -8.46 13.85 0.09
CA PHE B 94 -7.43 13.92 1.10
C PHE B 94 -6.79 15.31 1.21
N GLY B 95 -6.43 15.90 0.07
CA GLY B 95 -5.81 17.22 0.08
C GLY B 95 -6.58 18.30 0.82
N GLN B 96 -7.89 18.37 0.62
CA GLN B 96 -8.72 19.37 1.29
C GLN B 96 -8.77 19.13 2.78
N VAL B 97 -8.93 17.87 3.18
CA VAL B 97 -9.03 17.50 4.59
C VAL B 97 -7.80 17.90 5.39
N ILE B 98 -6.62 17.52 4.93
CA ILE B 98 -5.43 17.86 5.66
C ILE B 98 -5.18 19.38 5.59
N GLU B 99 -5.68 20.01 4.53
CA GLU B 99 -5.52 21.45 4.38
C GLU B 99 -6.43 22.09 5.41
N GLY B 100 -7.54 21.43 5.68
CA GLY B 100 -8.49 21.93 6.66
C GLY B 100 -7.85 21.88 8.02
N CYS B 101 -7.25 20.74 8.36
CA CYS B 101 -6.60 20.58 9.65
C CYS B 101 -5.47 21.60 9.81
N ALA B 102 -4.76 21.87 8.72
CA ALA B 102 -3.66 22.81 8.75
C ALA B 102 -4.17 24.23 8.91
N SER B 103 -5.26 24.54 8.23
CA SER B 103 -5.83 25.88 8.26
C SER B 103 -6.19 26.47 9.62
N ASP B 104 -7.16 25.87 10.31
CA ASP B 104 -7.61 26.39 11.60
C ASP B 104 -6.69 27.39 12.34
N ARG B 105 -5.50 26.96 12.74
CA ARG B 105 -4.51 27.79 13.45
C ARG B 105 -4.46 27.50 14.96
N GLU B 106 -4.29 26.22 15.29
CA GLU B 106 -4.20 25.76 16.67
C GLU B 106 -3.13 24.67 16.74
N GLU B 107 -3.54 23.41 16.86
CA GLU B 107 -2.57 22.31 16.89
C GLU B 107 -2.31 21.84 15.47
N GLY B 108 -2.91 22.52 14.51
CA GLY B 108 -2.73 22.19 13.11
C GLY B 108 -1.68 23.09 12.47
N THR B 109 -1.12 23.99 13.26
CA THR B 109 -0.10 24.90 12.77
C THR B 109 1.20 24.17 12.45
N TRP B 110 1.36 22.98 13.04
CA TRP B 110 2.58 22.23 12.79
C TRP B 110 2.54 21.65 11.38
N ILE B 111 1.32 21.48 10.87
CA ILE B 111 1.12 20.93 9.54
C ILE B 111 1.49 21.95 8.48
N THR B 112 2.78 22.03 8.17
CA THR B 112 3.33 22.95 7.17
C THR B 112 3.21 22.37 5.76
N ARG B 113 3.65 23.12 4.76
CA ARG B 113 3.57 22.60 3.39
C ARG B 113 4.34 21.30 3.31
N GLY B 114 5.51 21.27 3.97
CA GLY B 114 6.33 20.06 3.98
C GLY B 114 5.58 18.85 4.54
N VAL B 115 4.86 19.06 5.63
CA VAL B 115 4.11 17.97 6.21
C VAL B 115 2.98 17.57 5.28
N VAL B 116 2.31 18.55 4.72
CA VAL B 116 1.21 18.28 3.80
C VAL B 116 1.67 17.40 2.64
N GLU B 117 2.77 17.77 2.01
CA GLU B 117 3.28 16.97 0.89
C GLU B 117 3.60 15.54 1.32
N ALA B 118 4.33 15.41 2.42
CA ALA B 118 4.72 14.10 2.93
C ALA B 118 3.52 13.18 3.15
N TYR B 119 2.50 13.65 3.84
CA TYR B 119 1.35 12.79 4.05
C TYR B 119 0.49 12.62 2.80
N HIS B 120 0.53 13.59 1.90
CA HIS B 120 -0.26 13.43 0.69
C HIS B 120 0.35 12.27 -0.09
N ARG B 121 1.67 12.14 -0.04
CA ARG B 121 2.36 11.03 -0.70
C ARG B 121 1.90 9.69 -0.14
N LEU B 122 1.80 9.63 1.19
CA LEU B 122 1.37 8.41 1.86
C LEU B 122 -0.06 8.09 1.42
N HIS B 123 -0.87 9.12 1.26
CA HIS B 123 -2.24 8.89 0.86
C HIS B 123 -2.25 8.28 -0.54
N GLU B 124 -1.35 8.74 -1.40
CA GLU B 124 -1.28 8.20 -2.74
C GLU B 124 -0.69 6.80 -2.72
N LEU B 125 0.32 6.57 -1.90
CA LEU B 125 0.89 5.23 -1.82
C LEU B 125 -0.06 4.29 -1.09
N GLY B 126 -1.21 4.81 -0.65
CA GLY B 126 -2.23 4.01 0.00
C GLY B 126 -2.19 3.70 1.49
N HIS B 127 -1.51 4.51 2.27
CA HIS B 127 -1.43 4.27 3.70
C HIS B 127 -2.11 5.32 4.55
N ALA B 128 -2.16 6.56 4.06
CA ALA B 128 -2.80 7.64 4.82
C ALA B 128 -4.18 7.81 4.20
N HIS B 129 -5.19 7.95 5.05
CA HIS B 129 -6.56 8.07 4.59
C HIS B 129 -7.31 9.23 5.19
N SER B 130 -8.42 9.59 4.55
CA SER B 130 -9.25 10.70 5.03
C SER B 130 -10.76 10.47 4.95
N ILE B 131 -11.45 11.00 5.95
CA ILE B 131 -12.90 10.91 6.01
C ILE B 131 -13.36 12.34 5.81
N GLU B 132 -14.30 12.54 4.89
CA GLU B 132 -14.81 13.87 4.60
C GLU B 132 -16.28 14.10 4.98
N VAL B 133 -16.53 15.20 5.71
CA VAL B 133 -17.88 15.56 6.11
C VAL B 133 -18.38 16.66 5.15
N TRP B 134 -19.49 16.39 4.46
CA TRP B 134 -20.05 17.35 3.52
C TRP B 134 -21.39 17.95 3.89
N ARG B 135 -21.52 19.25 3.64
CA ARG B 135 -22.75 19.98 3.87
C ARG B 135 -23.04 20.57 2.50
N GLU B 136 -24.06 20.03 1.84
CA GLU B 136 -24.39 20.49 0.50
C GLU B 136 -23.25 19.96 -0.37
N ASP B 137 -22.51 20.84 -1.04
CA ASP B 137 -21.39 20.39 -1.85
C ASP B 137 -20.06 20.85 -1.26
N GLU B 138 -20.11 21.54 -0.12
CA GLU B 138 -18.89 22.02 0.52
C GLU B 138 -18.39 21.13 1.65
N LEU B 139 -17.06 21.08 1.79
CA LEU B 139 -16.41 20.30 2.83
C LEU B 139 -16.47 21.13 4.08
N VAL B 140 -17.10 20.63 5.13
CA VAL B 140 -17.19 21.39 6.38
C VAL B 140 -16.47 20.71 7.51
N GLY B 141 -15.82 19.59 7.20
CA GLY B 141 -15.07 18.89 8.23
C GLY B 141 -14.57 17.53 7.81
N GLY B 142 -13.78 16.91 8.68
CA GLY B 142 -13.27 15.60 8.38
C GLY B 142 -12.07 15.26 9.24
N MET B 143 -11.34 14.23 8.83
CA MET B 143 -10.16 13.79 9.56
C MET B 143 -9.34 12.88 8.67
N TYR B 144 -8.08 12.72 9.05
CA TYR B 144 -7.18 11.86 8.31
C TYR B 144 -6.16 11.22 9.26
N GLY B 145 -5.60 10.10 8.81
CA GLY B 145 -4.63 9.42 9.63
C GLY B 145 -3.92 8.34 8.84
N VAL B 146 -2.99 7.66 9.49
CA VAL B 146 -2.26 6.60 8.82
C VAL B 146 -2.78 5.25 9.30
N ALA B 147 -3.03 4.34 8.36
CA ALA B 147 -3.52 3.02 8.72
C ALA B 147 -2.34 2.11 9.03
N GLN B 148 -2.57 1.20 9.96
CA GLN B 148 -1.55 0.27 10.39
C GLN B 148 -2.34 -1.02 10.64
N GLY B 149 -2.72 -1.69 9.56
CA GLY B 149 -3.49 -2.91 9.72
C GLY B 149 -4.85 -2.53 10.26
N THR B 150 -5.31 -3.30 11.25
CA THR B 150 -6.60 -3.08 11.89
C THR B 150 -6.50 -1.92 12.87
N LEU B 151 -5.35 -1.26 12.91
CA LEU B 151 -5.11 -0.13 13.81
C LEU B 151 -5.13 1.16 12.99
N PHE B 152 -5.62 2.25 13.58
CA PHE B 152 -5.65 3.51 12.85
C PHE B 152 -5.04 4.63 13.67
N CYS B 153 -4.02 5.26 13.10
CA CYS B 153 -3.37 6.35 13.79
C CYS B 153 -4.04 7.65 13.35
N GLY B 154 -4.78 8.26 14.26
CA GLY B 154 -5.45 9.52 13.96
C GLY B 154 -4.45 10.65 14.05
N GLU B 155 -4.24 11.35 12.95
CA GLU B 155 -3.30 12.47 12.94
C GLU B 155 -4.00 13.75 13.37
N SER B 156 -5.13 14.03 12.73
CA SER B 156 -5.86 15.25 13.02
C SER B 156 -7.30 15.25 12.49
N MET B 157 -8.09 16.12 12.95
CA MET B 157 -9.48 16.32 12.57
C MET B 157 -9.68 17.84 12.59
N PHE B 158 -10.74 18.29 11.84
CA PHE B 158 -11.00 19.73 11.79
C PHE B 158 -12.47 19.95 11.55
N SER B 159 -12.96 21.14 11.87
CA SER B 159 -14.36 21.40 11.71
C SER B 159 -14.67 22.84 11.37
N ARG B 160 -15.59 23.04 10.44
CA ARG B 160 -16.00 24.37 10.01
C ARG B 160 -17.50 24.51 10.14
N MET B 161 -18.11 23.56 10.81
CA MET B 161 -19.55 23.54 11.06
C MET B 161 -19.83 22.63 12.25
N GLU B 162 -20.71 23.10 13.13
CA GLU B 162 -21.06 22.36 14.34
C GLU B 162 -21.26 20.87 14.13
N ASN B 163 -20.61 20.06 14.97
CA ASN B 163 -20.71 18.61 14.93
C ASN B 163 -20.17 17.89 13.69
N ALA B 164 -19.42 18.60 12.84
CA ALA B 164 -18.83 17.97 11.65
C ALA B 164 -17.79 16.95 12.08
N SER B 165 -16.85 17.34 12.94
CA SER B 165 -15.82 16.43 13.45
C SER B 165 -16.44 15.14 13.95
N LYS B 166 -17.20 15.26 15.06
CA LYS B 166 -17.85 14.10 15.67
C LYS B 166 -18.53 13.23 14.62
N THR B 167 -19.17 13.85 13.65
CA THR B 167 -19.84 13.06 12.60
C THR B 167 -18.81 12.11 11.95
N ALA B 168 -17.68 12.65 11.53
CA ALA B 168 -16.66 11.82 10.91
C ALA B 168 -16.20 10.73 11.88
N LEU B 169 -15.79 11.15 13.08
CA LEU B 169 -15.29 10.22 14.09
C LEU B 169 -16.36 9.18 14.45
N LEU B 170 -17.62 9.61 14.40
CA LEU B 170 -18.75 8.74 14.72
C LEU B 170 -18.90 7.66 13.66
N VAL B 171 -19.17 8.08 12.42
CA VAL B 171 -19.35 7.20 11.29
C VAL B 171 -18.14 6.32 10.98
N PHE B 172 -16.94 6.91 11.04
CA PHE B 172 -15.74 6.15 10.77
C PHE B 172 -15.70 4.96 11.69
N CYS B 173 -15.98 5.21 12.97
CA CYS B 173 -15.97 4.18 13.98
C CYS B 173 -16.95 3.05 13.68
N GLU B 174 -18.15 3.37 13.24
CA GLU B 174 -19.12 2.33 12.95
C GLU B 174 -18.58 1.52 11.78
N GLU B 175 -18.15 2.22 10.73
CA GLU B 175 -17.59 1.57 9.55
C GLU B 175 -16.37 0.74 9.93
N PHE B 176 -15.54 1.30 10.79
CA PHE B 176 -14.32 0.67 11.25
C PHE B 176 -14.56 -0.64 12.03
N ILE B 177 -15.30 -0.56 13.23
CA ILE B 177 -15.57 -1.75 14.04
C ILE B 177 -16.47 -2.75 13.34
N GLY B 178 -17.21 -2.39 12.30
CA GLY B 178 -18.01 -3.32 11.53
C GLY B 178 -17.22 -4.20 10.59
N HIS B 179 -16.03 -3.74 10.21
CA HIS B 179 -15.20 -4.50 9.29
C HIS B 179 -13.88 -4.97 9.84
N GLY B 180 -13.84 -5.24 11.14
CA GLY B 180 -12.61 -5.73 11.73
C GLY B 180 -11.77 -4.67 12.41
N GLY B 181 -12.04 -3.40 12.14
CA GLY B 181 -11.26 -2.35 12.77
C GLY B 181 -11.19 -2.64 14.25
N LYS B 182 -10.01 -2.47 14.84
CA LYS B 182 -9.85 -2.74 16.27
C LYS B 182 -9.38 -1.58 17.12
N LEU B 183 -8.58 -0.68 16.57
CA LEU B 183 -8.07 0.40 17.41
C LEU B 183 -7.68 1.70 16.71
N ILE B 184 -7.76 2.81 17.46
CA ILE B 184 -7.40 4.14 16.97
C ILE B 184 -6.38 4.81 17.88
N ASP B 185 -5.26 5.24 17.32
CA ASP B 185 -4.23 5.89 18.09
C ASP B 185 -4.50 7.39 18.13
N CYS B 186 -4.51 7.98 19.32
CA CYS B 186 -4.73 9.41 19.44
C CYS B 186 -3.44 10.12 19.85
N GLN B 187 -2.38 9.34 19.99
CA GLN B 187 -1.06 9.89 20.34
C GLN B 187 -1.08 10.50 21.74
N VAL B 188 -1.47 11.76 21.85
CA VAL B 188 -1.53 12.44 23.15
C VAL B 188 -2.96 12.85 23.50
N LEU B 189 -3.42 12.42 24.66
CA LEU B 189 -4.78 12.71 25.12
C LEU B 189 -5.01 14.16 25.52
N ASN B 190 -6.04 14.78 24.96
CA ASN B 190 -6.38 16.17 25.29
C ASN B 190 -7.83 16.21 25.80
N ASP B 191 -8.45 17.39 25.76
CA ASP B 191 -9.82 17.51 26.23
C ASP B 191 -10.85 16.97 25.24
N HIS B 192 -10.89 17.55 24.05
CA HIS B 192 -11.84 17.13 23.02
C HIS B 192 -11.78 15.62 22.85
N THR B 193 -10.57 15.11 22.66
CA THR B 193 -10.35 13.69 22.49
C THR B 193 -10.86 12.87 23.68
N ALA B 194 -10.54 13.31 24.89
CA ALA B 194 -11.00 12.61 26.10
C ALA B 194 -12.53 12.56 26.15
N SER B 195 -13.14 13.71 25.90
CA SER B 195 -14.59 13.81 25.90
C SER B 195 -15.22 12.88 24.87
N LEU B 196 -14.40 12.30 24.01
CA LEU B 196 -14.91 11.38 23.00
C LEU B 196 -14.67 9.91 23.36
N GLY B 197 -13.90 9.67 24.43
CA GLY B 197 -13.66 8.31 24.84
C GLY B 197 -12.20 7.89 24.87
N ALA B 198 -11.32 8.78 24.43
CA ALA B 198 -9.90 8.47 24.41
C ALA B 198 -9.46 8.16 25.84
N CYS B 199 -8.64 7.13 26.00
CA CYS B 199 -8.16 6.77 27.32
C CYS B 199 -6.68 6.39 27.21
N GLU B 200 -5.93 6.67 28.27
CA GLU B 200 -4.50 6.37 28.27
C GLU B 200 -4.17 4.92 28.60
N ILE B 201 -3.06 4.45 28.05
CA ILE B 201 -2.56 3.11 28.30
C ILE B 201 -1.02 3.19 28.24
N PRO B 202 -0.33 2.22 28.83
CA PRO B 202 1.14 2.27 28.79
C PRO B 202 1.69 2.14 27.38
N ARG B 203 2.83 2.76 27.13
CA ARG B 203 3.45 2.69 25.80
C ARG B 203 3.73 1.24 25.39
N ARG B 204 4.28 0.46 26.32
CA ARG B 204 4.61 -0.93 26.05
C ARG B 204 3.39 -1.73 25.62
N ASP B 205 2.24 -1.38 26.18
CA ASP B 205 1.01 -2.06 25.80
C ASP B 205 0.60 -1.59 24.43
N TYR B 206 0.81 -0.30 24.16
CA TYR B 206 0.46 0.25 22.85
C TYR B 206 1.31 -0.39 21.75
N LEU B 207 2.61 -0.51 22.00
CA LEU B 207 3.49 -1.13 21.02
C LEU B 207 3.09 -2.60 20.87
N ASN B 208 2.70 -3.21 21.98
CA ASN B 208 2.26 -4.60 22.00
C ASN B 208 1.08 -4.75 21.06
N TYR B 209 0.10 -3.87 21.22
CA TYR B 209 -1.10 -3.87 20.37
C TYR B 209 -0.72 -3.55 18.92
N LEU B 210 0.19 -2.59 18.75
CA LEU B 210 0.61 -2.16 17.43
C LEU B 210 1.12 -3.25 16.49
N ASN B 211 2.15 -3.98 16.86
CA ASN B 211 2.65 -5.01 15.95
C ASN B 211 1.78 -6.25 15.95
N GLN B 212 0.65 -6.15 16.65
CA GLN B 212 -0.31 -7.23 16.72
C GLN B 212 -1.36 -6.89 15.66
N MET B 213 -1.68 -5.62 15.53
CA MET B 213 -2.69 -5.18 14.57
C MET B 213 -2.14 -4.77 13.20
N ARG B 214 -0.86 -4.44 13.11
CA ARG B 214 -0.30 -4.05 11.81
C ARG B 214 -0.30 -5.18 10.78
N LEU B 215 -0.24 -6.42 11.24
CA LEU B 215 -0.25 -7.54 10.30
C LEU B 215 -1.64 -8.04 10.00
N GLY B 216 -2.63 -7.41 10.62
CA GLY B 216 -4.01 -7.79 10.36
C GLY B 216 -4.44 -7.09 9.09
N ARG B 217 -5.72 -7.20 8.75
CA ARG B 217 -6.21 -6.54 7.55
C ARG B 217 -7.71 -6.31 7.67
N LEU B 218 -8.26 -5.58 6.70
CA LEU B 218 -9.68 -5.26 6.61
C LEU B 218 -10.08 -5.63 5.18
N PRO B 219 -11.38 -5.60 4.85
CA PRO B 219 -11.75 -5.97 3.48
C PRO B 219 -10.92 -5.24 2.44
N ASN B 220 -10.59 -5.92 1.36
CA ASN B 220 -9.78 -5.35 0.28
C ASN B 220 -10.25 -3.98 -0.18
N ASN B 221 -11.56 -3.80 -0.22
CA ASN B 221 -12.13 -2.55 -0.69
C ASN B 221 -12.44 -1.57 0.44
N PHE B 222 -12.00 -1.86 1.66
CA PHE B 222 -12.28 -0.96 2.77
C PHE B 222 -11.79 0.48 2.60
N TRP B 223 -10.62 0.67 2.00
CA TRP B 223 -10.10 2.02 1.83
C TRP B 223 -10.37 2.60 0.46
N VAL B 224 -11.12 1.86 -0.35
CA VAL B 224 -11.47 2.34 -1.69
C VAL B 224 -12.33 3.57 -1.50
N PRO B 225 -12.05 4.66 -2.24
CA PRO B 225 -12.86 5.87 -2.08
C PRO B 225 -14.34 5.54 -2.28
N ARG B 226 -15.17 5.97 -1.33
CA ARG B 226 -16.61 5.71 -1.40
C ARG B 226 -17.44 6.53 -0.41
N CYS B 227 -18.75 6.33 -0.46
CA CYS B 227 -19.67 7.05 0.42
C CYS B 227 -19.88 6.23 1.69
N LEU B 228 -19.68 6.84 2.85
CA LEU B 228 -19.86 6.13 4.12
C LEU B 228 -21.21 6.40 4.80
N PHE B 229 -21.77 7.59 4.59
CA PHE B 229 -23.03 7.94 5.22
C PHE B 229 -23.77 9.02 4.45
N SER B 230 -24.92 8.64 3.92
CA SER B 230 -25.75 9.55 3.16
C SER B 230 -27.21 9.15 3.37
N PRO B 231 -28.02 10.02 3.98
CA PRO B 231 -29.43 9.74 4.24
C PRO B 231 -30.21 9.28 2.99
#